data_5KTD
#
_entry.id   5KTD
#
_cell.length_a   75.812
_cell.length_b   75.812
_cell.length_c   73.537
_cell.angle_alpha   90.00
_cell.angle_beta   90.00
_cell.angle_gamma   90.00
#
_symmetry.space_group_name_H-M   'P 41 21 2'
#
loop_
_entity.id
_entity.type
_entity.pdbx_description
1 polymer FdhC
2 non-polymer 1,2-ETHANEDIOL
3 non-polymer '[[(2~{R},3~{S},5~{R})-5-[5-methyl-2,4-bis(oxidanylidene)pyrimidin-1-yl]-3-oxidanyl-oxolan-2-yl]methoxy-oxidanyl-phosphoryl] [(2~{R},3~{R},4~{S},5~{S},6~{R})-6-methyl-3,5-bis(oxidanyl)-4-[[(3~{R})-3-oxidanylbutanoyl]amino]oxan-2-yl] hydrogen phosphate'
4 non-polymer 'COENZYME A'
5 non-polymer 'MAGNESIUM ION'
6 water water
#
_entity_poly.entity_id   1
_entity_poly.type   'polypeptide(L)'
_entity_poly.pdbx_seq_one_letter_code
;MVNFNLKANTTYLRLVEENDAEFICTLRNNDKLNTYISKSTGDIKSQAEWIRNYKNRENNGEEYYFIIFRSDDQSPIGTV
RLYDFHENPKSFCWGSWILNEHKTKYAAVESALLVYEAGFSTLGFEQSHFEVMKGNDKVHSFHLKMGAQKISEDDENIYY
IFPKSKYKENKIQYARFLGKLEHHHHHH
;
_entity_poly.pdbx_strand_id   A
#
loop_
_chem_comp.id
_chem_comp.type
_chem_comp.name
_chem_comp.formula
COA non-polymer 'COENZYME A' 'C21 H36 N7 O16 P3 S'
EDO non-polymer 1,2-ETHANEDIOL 'C2 H6 O2'
MG non-polymer 'MAGNESIUM ION' 'Mg 2'
QUH non-polymer '[[(2~{R},3~{S},5~{R})-5-[5-methyl-2,4-bis(oxidanylidene)pyrimidin-1-yl]-3-oxidanyl-oxolan-2-yl]methoxy-oxidanyl-phosphoryl] [(2~{R},3~{R},4~{S},5~{S},6~{R})-6-methyl-3,5-bis(oxidanyl)-4-[[(3~{R})-3-oxidanylbutanoyl]amino]oxan-2-yl] hydrogen phosphate' 'C20 H33 N3 O16 P2'
#
# COMPACT_ATOMS: atom_id res chain seq x y z
N VAL A 2 13.05 -0.51 13.17
CA VAL A 2 12.94 -0.83 11.71
C VAL A 2 13.14 0.43 10.91
N ASN A 3 13.87 0.30 9.82
CA ASN A 3 13.88 1.27 8.76
C ASN A 3 13.75 0.53 7.41
N PHE A 4 13.05 1.21 6.51
CA PHE A 4 12.57 0.62 5.27
C PHE A 4 13.35 1.20 4.10
N ASN A 5 13.60 0.40 3.09
CA ASN A 5 14.23 0.91 1.89
C ASN A 5 13.44 0.36 0.72
N LEU A 6 12.32 1.00 0.49
CA LEU A 6 11.33 0.56 -0.44
C LEU A 6 11.37 1.48 -1.67
N LYS A 7 11.84 0.91 -2.76
CA LYS A 7 12.03 1.62 -3.97
C LYS A 7 11.72 0.65 -5.09
N ALA A 8 10.95 1.06 -6.06
CA ALA A 8 10.69 0.23 -7.23
C ALA A 8 11.18 1.02 -8.45
N ASN A 9 10.66 0.70 -9.61
CA ASN A 9 11.07 1.36 -10.85
C ASN A 9 10.68 2.80 -11.11
N THR A 10 9.44 3.16 -10.82
CA THR A 10 9.00 4.51 -10.99
C THR A 10 8.53 5.21 -9.74
N THR A 11 8.61 4.53 -8.60
CA THR A 11 8.10 5.04 -7.33
C THR A 11 9.01 4.60 -6.20
N TYR A 12 8.86 5.28 -5.07
CA TYR A 12 9.42 4.88 -3.80
C TYR A 12 8.51 5.28 -2.68
N LEU A 13 8.77 4.76 -1.51
CA LEU A 13 7.94 4.99 -0.30
C LEU A 13 8.81 5.53 0.80
N ARG A 14 8.24 6.40 1.62
CA ARG A 14 8.91 6.80 2.87
C ARG A 14 7.89 7.04 3.96
N LEU A 15 8.30 6.83 5.19
CA LEU A 15 7.37 6.91 6.31
C LEU A 15 6.72 8.30 6.44
N VAL A 16 5.43 8.31 6.73
CA VAL A 16 4.67 9.53 6.97
C VAL A 16 5.26 10.34 8.15
N GLU A 17 5.34 11.66 7.95
CA GLU A 17 5.69 12.60 9.06
C GLU A 17 4.51 13.56 9.28
N GLU A 18 4.52 14.31 10.38
CA GLU A 18 3.46 15.33 10.64
C GLU A 18 3.25 16.35 9.51
N ASN A 19 4.36 16.72 8.91
CA ASN A 19 4.38 17.65 7.80
C ASN A 19 3.65 17.15 6.57
N ASP A 20 3.37 15.83 6.47
CA ASP A 20 2.58 15.29 5.35
C ASP A 20 1.08 15.56 5.54
N ALA A 21 0.69 16.23 6.65
CA ALA A 21 -0.74 16.40 6.92
C ALA A 21 -1.49 17.09 5.82
N GLU A 22 -0.95 18.14 5.23
CA GLU A 22 -1.67 18.82 4.19
C GLU A 22 -1.87 17.97 2.92
N PHE A 23 -0.81 17.29 2.51
CA PHE A 23 -0.89 16.41 1.35
C PHE A 23 -1.95 15.31 1.54
N ILE A 24 -1.92 14.70 2.71
CA ILE A 24 -2.91 13.66 3.06
C ILE A 24 -4.31 14.22 3.09
N CYS A 25 -4.52 15.37 3.74
CA CYS A 25 -5.88 15.95 3.80
C CYS A 25 -6.42 16.14 2.41
N THR A 26 -5.62 16.71 1.53
CA THR A 26 -6.06 17.03 0.19
C THR A 26 -6.34 15.80 -0.63
N LEU A 27 -5.45 14.81 -0.53
CA LEU A 27 -5.66 13.53 -1.14
C LEU A 27 -6.98 12.84 -0.73
N ARG A 28 -7.18 12.74 0.59
CA ARG A 28 -8.31 12.00 1.17
C ARG A 28 -9.62 12.76 1.03
N ASN A 29 -9.57 14.05 0.77
CA ASN A 29 -10.79 14.85 0.52
C ASN A 29 -11.04 15.18 -0.94
N ASN A 30 -10.28 14.51 -1.81
CA ASN A 30 -10.46 14.58 -3.23
C ASN A 30 -11.63 13.67 -3.55
N ASP A 31 -12.73 14.22 -4.07
CA ASP A 31 -13.94 13.45 -4.27
C ASP A 31 -13.80 12.56 -5.46
N LYS A 32 -12.78 12.72 -6.29
CA LYS A 32 -12.54 11.69 -7.32
C LYS A 32 -11.91 10.42 -6.75
N LEU A 33 -11.24 10.56 -5.61
CA LEU A 33 -10.46 9.45 -5.06
C LEU A 33 -11.08 8.77 -3.86
N ASN A 34 -12.04 9.39 -3.20
CA ASN A 34 -12.41 8.95 -1.87
C ASN A 34 -13.74 8.24 -1.79
N THR A 35 -14.26 7.84 -2.95
CA THR A 35 -15.54 7.17 -3.08
C THR A 35 -15.66 5.96 -2.13
N TYR A 36 -14.59 5.15 -2.06
CA TYR A 36 -14.61 3.87 -1.39
C TYR A 36 -13.69 3.81 -0.16
N ILE A 37 -13.30 4.95 0.42
CA ILE A 37 -12.43 4.91 1.61
C ILE A 37 -13.16 5.62 2.71
N SER A 38 -12.61 5.60 3.93
CA SER A 38 -13.24 6.26 5.07
C SER A 38 -13.15 7.76 4.94
N LYS A 39 -14.25 8.45 5.29
CA LYS A 39 -14.25 9.88 5.56
C LYS A 39 -13.16 10.25 6.53
N SER A 40 -12.50 11.38 6.25
CA SER A 40 -11.50 11.89 7.18
C SER A 40 -11.38 13.41 7.12
N THR A 41 -10.83 13.96 8.19
CA THR A 41 -10.81 15.39 8.35
C THR A 41 -10.12 16.09 7.19
N GLY A 42 -10.70 17.24 6.82
CA GLY A 42 -10.09 18.16 5.89
C GLY A 42 -9.29 19.23 6.62
N ASP A 43 -9.15 19.08 7.95
CA ASP A 43 -8.45 20.03 8.77
C ASP A 43 -7.00 19.55 9.00
N ILE A 44 -6.05 20.37 8.52
CA ILE A 44 -4.61 20.02 8.51
C ILE A 44 -4.15 19.69 9.88
N LYS A 45 -4.51 20.52 10.87
CA LYS A 45 -4.08 20.24 12.26
C LYS A 45 -4.67 18.97 12.84
N SER A 46 -5.92 18.70 12.54
CA SER A 46 -6.48 17.40 12.89
C SER A 46 -5.72 16.25 12.25
N GLN A 47 -5.38 16.40 10.98
CA GLN A 47 -4.64 15.33 10.32
C GLN A 47 -3.25 15.22 10.99
N ALA A 48 -2.59 16.33 11.30
CA ALA A 48 -1.30 16.30 12.05
C ALA A 48 -1.46 15.55 13.33
N GLU A 49 -2.52 15.87 14.08
CA GLU A 49 -2.87 15.11 15.30
C GLU A 49 -2.92 13.56 15.04
N TRP A 50 -3.68 13.15 14.03
CA TRP A 50 -3.81 11.73 13.64
C TRP A 50 -2.42 11.10 13.42
N ILE A 51 -1.55 11.86 12.75
CA ILE A 51 -0.19 11.37 12.42
C ILE A 51 0.66 11.24 13.69
N ARG A 52 0.54 12.21 14.60
CA ARG A 52 1.22 12.14 15.92
C ARG A 52 0.88 10.82 16.68
N ASN A 53 -0.39 10.46 16.72
CA ASN A 53 -0.81 9.22 17.35
C ASN A 53 -0.30 8.01 16.60
N TYR A 54 -0.47 8.05 15.28
CA TYR A 54 0.14 7.07 14.37
C TYR A 54 1.65 6.86 14.70
N LYS A 55 2.40 7.95 14.89
CA LYS A 55 3.84 7.84 15.22
C LYS A 55 4.19 7.04 16.48
N ASN A 56 3.35 7.16 17.51
CA ASN A 56 3.45 6.29 18.69
C ASN A 56 3.22 4.80 18.36
N ARG A 57 2.20 4.53 17.53
CA ARG A 57 1.97 3.15 17.08
C ARG A 57 3.19 2.69 16.28
N GLU A 58 3.74 3.57 15.45
CA GLU A 58 4.93 3.24 14.63
C GLU A 58 6.18 2.95 15.52
N ASN A 59 6.44 3.81 16.50
CA ASN A 59 7.56 3.64 17.46
C ASN A 59 7.46 2.33 18.21
N ASN A 60 6.25 1.81 18.37
CA ASN A 60 6.06 0.53 19.02
C ASN A 60 5.95 -0.63 18.10
N GLY A 61 6.25 -0.44 16.83
CA GLY A 61 6.17 -1.54 15.86
C GLY A 61 4.75 -1.98 15.52
N GLU A 62 3.76 -1.10 15.71
CA GLU A 62 2.37 -1.50 15.53
C GLU A 62 1.73 -1.07 14.18
N GLU A 63 2.40 -0.21 13.41
CA GLU A 63 1.81 0.43 12.22
C GLU A 63 2.90 1.15 11.43
N TYR A 64 2.84 1.06 10.10
CA TYR A 64 3.74 1.75 9.23
C TYR A 64 2.95 2.33 8.09
N TYR A 65 3.07 3.63 7.97
CA TYR A 65 2.28 4.46 7.09
C TYR A 65 3.25 5.17 6.20
N PHE A 66 3.02 5.14 4.89
CA PHE A 66 4.00 5.64 3.89
C PHE A 66 3.33 6.62 2.92
N ILE A 67 4.09 7.66 2.57
CA ILE A 67 3.82 8.46 1.40
C ILE A 67 4.47 7.73 0.20
N ILE A 68 3.72 7.66 -0.89
CA ILE A 68 4.20 7.13 -2.17
C ILE A 68 4.69 8.31 -3.01
N PHE A 69 5.86 8.15 -3.59
CA PHE A 69 6.50 9.20 -4.39
C PHE A 69 6.77 8.69 -5.79
N ARG A 70 6.75 9.62 -6.73
CA ARG A 70 7.15 9.44 -8.08
C ARG A 70 8.65 9.76 -8.16
N SER A 71 9.42 8.77 -8.62
CA SER A 71 10.89 8.83 -8.70
C SER A 71 11.46 9.92 -9.61
N ASP A 72 10.83 10.18 -10.74
CA ASP A 72 11.45 11.08 -11.70
C ASP A 72 11.53 12.55 -11.19
N ASP A 73 10.53 13.00 -10.39
CA ASP A 73 10.49 14.35 -9.84
C ASP A 73 10.38 14.47 -8.33
N GLN A 74 10.48 13.35 -7.64
CA GLN A 74 10.37 13.31 -6.19
C GLN A 74 9.15 14.11 -5.70
N SER A 75 8.06 13.95 -6.44
CA SER A 75 6.75 14.50 -6.08
C SER A 75 5.79 13.40 -5.49
N PRO A 76 4.99 13.77 -4.49
CA PRO A 76 4.12 12.81 -3.80
C PRO A 76 2.89 12.47 -4.65
N ILE A 77 2.57 11.18 -4.72
CA ILE A 77 1.48 10.68 -5.56
C ILE A 77 0.44 9.82 -4.80
N GLY A 78 0.66 9.53 -3.52
CA GLY A 78 -0.31 8.78 -2.75
C GLY A 78 0.13 8.29 -1.38
N THR A 79 -0.65 7.37 -0.84
CA THR A 79 -0.43 6.81 0.47
C THR A 79 -0.64 5.34 0.48
N VAL A 80 -0.04 4.70 1.45
CA VAL A 80 -0.35 3.29 1.70
C VAL A 80 0.05 3.00 3.13
N ARG A 81 -0.63 2.03 3.72
CA ARG A 81 -0.48 1.74 5.17
C ARG A 81 -0.55 0.25 5.49
N LEU A 82 0.36 -0.20 6.39
CA LEU A 82 0.34 -1.49 7.00
C LEU A 82 -0.06 -1.34 8.43
N TYR A 83 -1.04 -2.14 8.88
CA TYR A 83 -1.65 -1.93 10.20
C TYR A 83 -2.41 -3.19 10.69
N ASP A 84 -2.80 -3.14 11.97
CA ASP A 84 -3.71 -4.12 12.56
C ASP A 84 -3.11 -5.52 12.52
N PHE A 85 -2.02 -5.66 13.27
CA PHE A 85 -1.15 -6.87 13.31
C PHE A 85 -1.67 -7.91 14.31
N HIS A 86 -1.60 -9.18 13.96
CA HIS A 86 -2.13 -10.30 14.76
C HIS A 86 -1.25 -11.54 14.61
N GLU A 87 -1.59 -12.62 15.35
CA GLU A 87 -0.80 -13.87 15.40
C GLU A 87 -1.51 -15.23 15.19
N ASN A 88 -0.68 -16.24 14.95
CA ASN A 88 -1.15 -17.62 14.76
C ASN A 88 -2.21 -17.76 13.64
N PRO A 89 -1.88 -17.42 12.38
CA PRO A 89 -0.52 -17.07 11.95
C PRO A 89 -0.24 -15.53 12.01
N LYS A 90 1.02 -15.15 11.82
CA LYS A 90 1.40 -13.75 11.83
C LYS A 90 0.71 -13.03 10.65
N SER A 91 -0.17 -12.08 10.95
CA SER A 91 -0.94 -11.38 9.90
C SER A 91 -0.89 -9.92 10.02
N PHE A 92 -0.87 -9.24 8.87
CA PHE A 92 -0.92 -7.81 8.84
C PHE A 92 -2.03 -7.37 7.90
N CYS A 93 -2.69 -6.29 8.23
CA CYS A 93 -3.55 -5.64 7.26
C CYS A 93 -2.77 -4.58 6.45
N TRP A 94 -3.27 -4.30 5.25
CA TRP A 94 -2.87 -3.11 4.55
C TRP A 94 -4.03 -2.44 3.83
N GLY A 95 -3.79 -1.20 3.45
CA GLY A 95 -4.82 -0.35 2.87
C GLY A 95 -4.46 1.10 2.98
N SER A 96 -5.46 1.96 3.19
CA SER A 96 -5.25 3.41 3.03
C SER A 96 -4.54 3.71 1.70
N TRP A 97 -4.95 3.00 0.66
CA TRP A 97 -4.17 2.91 -0.58
C TRP A 97 -4.81 3.83 -1.62
N ILE A 98 -4.10 4.92 -1.90
CA ILE A 98 -4.61 6.00 -2.69
C ILE A 98 -3.47 6.49 -3.57
N LEU A 99 -3.77 6.69 -4.85
CA LEU A 99 -2.83 7.30 -5.81
C LEU A 99 -3.55 8.42 -6.57
N ASN A 100 -2.91 9.55 -6.77
CA ASN A 100 -3.63 10.69 -7.43
C ASN A 100 -3.32 10.71 -8.92
N GLU A 101 -3.87 11.70 -9.63
CA GLU A 101 -3.67 11.87 -11.08
C GLU A 101 -2.21 11.91 -11.53
N HIS A 102 -1.29 12.36 -10.67
CA HIS A 102 0.16 12.50 -11.03
CA HIS A 102 0.13 12.53 -10.97
C HIS A 102 0.93 11.20 -10.83
N LYS A 103 0.22 10.12 -10.52
CA LYS A 103 0.82 8.85 -10.38
C LYS A 103 1.48 8.40 -11.70
N THR A 104 2.54 7.64 -11.58
CA THR A 104 3.08 6.92 -12.70
C THR A 104 2.11 5.82 -13.07
N LYS A 105 2.08 5.48 -14.36
CA LYS A 105 1.10 4.54 -14.89
C LYS A 105 0.92 3.26 -14.04
N TYR A 106 2.05 2.66 -13.64
CA TYR A 106 2.10 1.37 -12.94
C TYR A 106 2.38 1.51 -11.42
N ALA A 107 2.20 2.72 -10.87
CA ALA A 107 2.44 2.95 -9.42
C ALA A 107 1.63 1.96 -8.55
N ALA A 108 0.41 1.62 -9.00
CA ALA A 108 -0.45 0.70 -8.22
C ALA A 108 0.24 -0.64 -8.07
N VAL A 109 0.76 -1.17 -9.18
CA VAL A 109 1.49 -2.46 -9.13
C VAL A 109 2.74 -2.32 -8.27
N GLU A 110 3.48 -1.23 -8.45
CA GLU A 110 4.72 -1.10 -7.70
C GLU A 110 4.49 -1.02 -6.20
N SER A 111 3.59 -0.10 -5.82
CA SER A 111 3.30 0.11 -4.38
C SER A 111 2.74 -1.15 -3.69
N ALA A 112 1.86 -1.92 -4.35
CA ALA A 112 1.37 -3.15 -3.77
C ALA A 112 2.53 -4.12 -3.52
N LEU A 113 3.44 -4.22 -4.49
CA LEU A 113 4.55 -5.15 -4.37
C LEU A 113 5.46 -4.74 -3.22
N LEU A 114 5.63 -3.45 -3.02
CA LEU A 114 6.52 -2.98 -2.02
C LEU A 114 5.88 -3.17 -0.68
N VAL A 115 4.56 -2.98 -0.60
CA VAL A 115 3.84 -3.36 0.66
C VAL A 115 4.12 -4.81 1.02
N TYR A 116 3.99 -5.72 0.05
CA TYR A 116 4.25 -7.12 0.36
C TYR A 116 5.74 -7.39 0.67
N GLU A 117 6.69 -6.64 0.10
CA GLU A 117 8.13 -6.66 0.53
CA GLU A 117 8.09 -6.73 0.56
C GLU A 117 8.21 -6.34 2.03
N ALA A 118 7.60 -5.22 2.37
CA ALA A 118 7.68 -4.71 3.73
C ALA A 118 7.11 -5.72 4.69
N GLY A 119 5.91 -6.20 4.40
CA GLY A 119 5.20 -7.10 5.31
C GLY A 119 5.82 -8.47 5.46
N PHE A 120 6.15 -9.10 4.34
CA PHE A 120 6.54 -10.50 4.41
C PHE A 120 8.02 -10.60 4.65
N SER A 121 8.82 -9.77 3.99
CA SER A 121 10.24 -9.95 4.18
C SER A 121 10.85 -8.94 5.25
N THR A 122 10.66 -7.63 5.16
CA THR A 122 11.20 -6.78 6.22
C THR A 122 10.57 -7.09 7.61
N LEU A 123 9.28 -7.38 7.67
CA LEU A 123 8.60 -7.55 8.96
C LEU A 123 8.27 -8.98 9.34
N GLY A 124 8.57 -9.96 8.51
CA GLY A 124 8.37 -11.34 8.94
C GLY A 124 6.94 -11.88 9.10
N PHE A 125 5.93 -11.23 8.50
CA PHE A 125 4.56 -11.77 8.59
C PHE A 125 4.41 -12.99 7.72
N GLU A 126 3.39 -13.78 8.04
CA GLU A 126 3.02 -14.94 7.23
C GLU A 126 1.84 -14.71 6.30
N GLN A 127 1.00 -13.74 6.62
CA GLN A 127 -0.27 -13.55 5.95
C GLN A 127 -0.70 -12.07 5.94
N SER A 128 -1.40 -11.63 4.88
CA SER A 128 -1.84 -10.27 4.76
C SER A 128 -3.35 -10.29 4.66
N HIS A 129 -4.04 -9.38 5.35
CA HIS A 129 -5.51 -9.31 5.23
C HIS A 129 -5.90 -7.92 4.76
N PHE A 130 -6.93 -7.83 3.91
CA PHE A 130 -7.46 -6.55 3.53
C PHE A 130 -8.86 -6.73 2.95
N GLU A 131 -9.55 -5.63 2.77
CA GLU A 131 -10.87 -5.63 2.22
C GLU A 131 -11.03 -4.50 1.25
N VAL A 132 -12.05 -4.60 0.41
CA VAL A 132 -12.30 -3.66 -0.66
C VAL A 132 -13.81 -3.53 -0.73
N MET A 133 -14.31 -2.30 -0.79
CA MET A 133 -15.76 -2.09 -0.92
C MET A 133 -16.37 -2.73 -2.13
N LYS A 134 -17.54 -3.32 -1.96
CA LYS A 134 -18.31 -3.77 -3.13
C LYS A 134 -18.61 -2.49 -3.92
N GLY A 135 -18.44 -2.54 -5.22
CA GLY A 135 -18.60 -1.34 -6.03
C GLY A 135 -17.31 -0.81 -6.54
N ASN A 136 -16.21 -1.06 -5.81
CA ASN A 136 -14.86 -0.65 -6.23
C ASN A 136 -14.22 -1.64 -7.21
N ASP A 137 -14.87 -1.76 -8.37
CA ASP A 137 -14.72 -2.94 -9.21
C ASP A 137 -13.31 -3.24 -9.68
N LYS A 138 -12.59 -2.23 -10.10
CA LYS A 138 -11.27 -2.42 -10.63
C LYS A 138 -10.25 -2.84 -9.54
N VAL A 139 -10.55 -2.53 -8.28
CA VAL A 139 -9.64 -2.86 -7.15
C VAL A 139 -9.74 -4.37 -6.84
N HIS A 140 -10.98 -4.86 -6.84
CA HIS A 140 -11.25 -6.29 -6.72
C HIS A 140 -10.47 -7.01 -7.77
N SER A 141 -10.63 -6.51 -8.98
CA SER A 141 -10.03 -7.12 -10.12
C SER A 141 -8.47 -7.05 -10.06
N PHE A 142 -7.92 -5.94 -9.60
CA PHE A 142 -6.46 -5.88 -9.32
C PHE A 142 -5.93 -6.96 -8.36
N HIS A 143 -6.58 -7.09 -7.23
CA HIS A 143 -6.11 -8.02 -6.17
C HIS A 143 -6.24 -9.46 -6.64
N LEU A 144 -7.36 -9.78 -7.32
CA LEU A 144 -7.57 -11.16 -7.82
C LEU A 144 -6.48 -11.49 -8.81
N LYS A 145 -6.20 -10.56 -9.70
CA LYS A 145 -5.11 -10.75 -10.64
C LYS A 145 -3.75 -11.01 -9.99
N MET A 146 -3.43 -10.27 -8.93
CA MET A 146 -2.13 -10.46 -8.24
C MET A 146 -2.04 -11.73 -7.39
N GLY A 147 -3.17 -12.36 -7.12
CA GLY A 147 -3.19 -13.63 -6.40
C GLY A 147 -3.88 -13.62 -5.06
N ALA A 148 -4.61 -12.54 -4.71
CA ALA A 148 -5.37 -12.51 -3.44
C ALA A 148 -6.54 -13.49 -3.54
N GLN A 149 -6.97 -14.02 -2.42
CA GLN A 149 -8.12 -14.93 -2.37
C GLN A 149 -9.25 -14.28 -1.58
N LYS A 150 -10.45 -14.25 -2.15
CA LYS A 150 -11.63 -13.90 -1.36
C LYS A 150 -11.80 -14.93 -0.28
N ILE A 151 -11.66 -14.51 0.98
CA ILE A 151 -12.10 -15.33 2.07
C ILE A 151 -13.61 -15.18 2.05
N SER A 152 -14.13 -13.95 2.03
CA SER A 152 -15.58 -13.74 2.30
C SER A 152 -16.10 -12.32 2.07
N GLU A 153 -17.10 -11.87 2.87
CA GLU A 153 -17.83 -10.62 2.58
C GLU A 153 -18.79 -10.16 3.69
N ASP A 154 -19.43 -9.01 3.43
CA ASP A 154 -20.58 -8.53 4.20
C ASP A 154 -21.44 -7.55 3.33
N ASP A 155 -22.28 -6.71 3.92
CA ASP A 155 -23.10 -5.76 3.09
C ASP A 155 -22.18 -4.73 2.31
N GLU A 156 -21.00 -4.45 2.87
CA GLU A 156 -20.14 -3.37 2.36
C GLU A 156 -18.94 -3.83 1.58
N ASN A 157 -18.29 -4.92 2.05
CA ASN A 157 -16.95 -5.33 1.60
C ASN A 157 -16.84 -6.72 1.07
N ILE A 158 -15.84 -6.93 0.23
CA ILE A 158 -15.23 -8.23 0.03
C ILE A 158 -13.92 -8.30 0.79
N TYR A 159 -13.72 -9.42 1.52
CA TYR A 159 -12.53 -9.63 2.40
C TYR A 159 -11.59 -10.57 1.72
N TYR A 160 -10.30 -10.22 1.75
CA TYR A 160 -9.30 -11.02 1.08
C TYR A 160 -8.19 -11.39 2.02
N ILE A 161 -7.49 -12.44 1.65
CA ILE A 161 -6.12 -12.66 2.14
C ILE A 161 -5.14 -12.86 0.98
N PHE A 162 -3.89 -12.56 1.29
CA PHE A 162 -2.76 -12.70 0.36
C PHE A 162 -1.64 -13.46 1.09
N PRO A 163 -1.32 -14.66 0.62
CA PRO A 163 -0.32 -15.45 1.36
C PRO A 163 1.12 -15.12 0.94
N LYS A 164 2.02 -15.30 1.91
CA LYS A 164 3.44 -15.16 1.74
C LYS A 164 3.90 -15.97 0.52
N SER A 165 3.36 -17.18 0.38
CA SER A 165 3.68 -18.08 -0.73
C SER A 165 3.44 -17.44 -2.09
N LYS A 166 2.34 -16.70 -2.22
CA LYS A 166 2.05 -16.04 -3.49
C LYS A 166 2.99 -14.88 -3.73
N TYR A 167 3.35 -14.17 -2.66
CA TYR A 167 4.36 -13.09 -2.74
C TYR A 167 5.72 -13.58 -3.29
N LYS A 168 6.22 -14.69 -2.81
CA LYS A 168 7.52 -15.21 -3.23
C LYS A 168 7.37 -15.67 -4.66
N GLU A 169 6.36 -16.50 -4.83
CA GLU A 169 6.01 -17.08 -6.10
C GLU A 169 5.76 -16.00 -7.16
N ASN A 170 5.43 -14.77 -6.75
CA ASN A 170 5.29 -13.58 -7.64
C ASN A 170 6.56 -12.76 -7.85
N LYS A 171 7.62 -13.04 -7.11
CA LYS A 171 8.73 -12.06 -7.03
C LYS A 171 9.49 -12.10 -8.36
N ILE A 172 9.54 -13.30 -8.95
CA ILE A 172 10.15 -13.54 -10.28
C ILE A 172 9.24 -12.95 -11.39
N GLN A 173 7.97 -13.26 -11.32
CA GLN A 173 7.02 -12.83 -12.32
C GLN A 173 6.89 -11.31 -12.40
N TYR A 174 6.94 -10.63 -11.25
CA TYR A 174 6.75 -9.18 -11.22
C TYR A 174 8.09 -8.39 -11.09
N ALA A 175 9.23 -9.07 -11.22
CA ALA A 175 10.55 -8.43 -11.06
C ALA A 175 10.75 -7.17 -11.94
N ARG A 176 10.15 -7.10 -13.14
CA ARG A 176 10.27 -5.90 -14.00
C ARG A 176 9.67 -4.63 -13.35
N PHE A 177 8.74 -4.83 -12.41
CA PHE A 177 8.12 -3.69 -11.75
C PHE A 177 8.97 -3.18 -10.59
N LEU A 178 9.87 -4.00 -10.07
CA LEU A 178 10.58 -3.62 -8.88
C LEU A 178 11.94 -2.98 -9.15
N GLY A 179 12.46 -3.17 -10.35
CA GLY A 179 13.84 -2.75 -10.61
C GLY A 179 14.17 -3.08 -12.05
N LYS A 180 15.39 -2.75 -12.44
CA LYS A 180 15.91 -3.11 -13.78
C LYS A 180 16.27 -4.59 -13.74
N LEU A 181 15.93 -5.32 -14.80
CA LEU A 181 16.20 -6.73 -14.82
C LEU A 181 17.68 -6.96 -14.94
N GLU A 182 18.14 -8.01 -14.27
CA GLU A 182 19.57 -8.34 -14.31
C GLU A 182 19.90 -9.01 -15.67
N HIS A 183 18.91 -9.62 -16.32
CA HIS A 183 19.04 -10.24 -17.62
C HIS A 183 17.67 -10.23 -18.23
N HIS A 184 17.53 -10.16 -19.55
CA HIS A 184 16.22 -10.07 -20.20
C HIS A 184 15.99 -11.32 -21.05
N HIS A 185 14.73 -11.76 -21.10
CA HIS A 185 14.33 -12.83 -22.01
C HIS A 185 14.47 -12.31 -23.44
N HIS A 186 15.03 -13.15 -24.30
CA HIS A 186 15.09 -12.89 -25.74
C HIS A 186 14.61 -14.15 -26.46
N HIS A 187 13.70 -13.99 -27.44
CA HIS A 187 13.39 -15.10 -28.34
C HIS A 187 14.14 -15.01 -29.65
N HIS A 188 14.64 -16.16 -30.09
CA HIS A 188 15.36 -16.27 -31.36
C HIS A 188 14.43 -16.12 -32.52
C1 EDO B . 5.36 16.14 0.35
O1 EDO B . 6.47 15.76 1.18
C2 EDO B . 4.10 15.38 0.74
O2 EDO B . 3.83 15.61 2.12
O1 QUH C . -7.18 0.30 0.98
C1 QUH C . -7.68 -0.77 1.34
C2 QUH C . -7.17 -2.12 0.97
C3 QUH C . -6.28 -2.08 -0.25
O2 QUH C . -7.05 -2.22 -1.45
C4 QUH C . -5.28 -3.20 -0.30
N1 QUH C . -8.79 -0.82 2.18
C5 QUH C . -9.31 0.36 2.86
C6 QUH C . -10.84 0.35 2.85
O3 QUH C . -11.28 0.29 1.47
C7 QUH C . -11.31 1.63 3.53
C8 QUH C . -12.83 1.79 3.55
O4 QUH C . -10.82 1.67 4.89
C9 QUH C . -8.91 0.34 4.31
O5 QUH C . -7.52 0.21 4.51
C10 QUH C . -9.40 1.55 5.02
O6 QUH C . -8.71 2.68 4.50
P1 QUH C . -8.74 4.02 5.28
O7 QUH C . -10.02 4.85 5.07
O8 QUH C . -7.42 4.73 4.83
O9 QUH C . -8.36 3.89 6.83
P2 QUH C . -9.27 3.43 8.07
O10 QUH C . -8.70 2.33 8.82
O11 QUH C . -10.70 3.12 7.63
O12 QUH C . -9.20 4.69 9.01
C11 QUH C . -9.49 4.69 10.41
C12 QUH C . -9.97 6.09 10.71
C13 QUH C . -11.05 6.58 9.73
O13 QUH C . -11.97 7.44 10.43
C14 QUH C . -10.32 7.50 8.75
C15 QUH C . -9.23 8.07 9.64
O14 QUH C . -8.90 7.05 10.62
N2 QUH C . -7.98 8.44 9.00
C16 QUH C . -7.21 7.46 8.42
C17 QUH C . -5.96 7.79 7.86
C18 QUH C . -5.05 6.75 7.23
C19 QUH C . -5.59 9.17 7.89
O15 QUH C . -4.46 9.55 7.40
N3 QUH C . -6.36 10.09 8.46
C20 QUH C . -7.52 9.74 9.01
O16 QUH C . -8.20 10.73 9.55
N1A COA D . -0.01 -7.14 -13.92
C2A COA D . 0.25 -6.29 -14.93
N3A COA D . -0.30 -5.09 -15.01
C4A COA D . -1.15 -4.65 -14.07
C5A COA D . -1.49 -5.52 -12.94
C6A COA D . -0.86 -6.83 -12.93
N6A COA D . -1.08 -7.70 -11.93
N7A COA D . -2.33 -4.86 -12.14
C8A COA D . -2.55 -3.67 -12.73
N9A COA D . -1.85 -3.55 -13.91
C1B COA D . -1.84 -2.36 -14.79
C2B COA D . -3.24 -1.83 -15.07
O2B COA D . -3.94 -2.37 -16.20
C3B COA D . -3.00 -0.35 -15.19
O3B COA D . -2.58 -0.04 -16.53
P3B COA D . -3.70 0.56 -17.54
O7A COA D . -3.55 2.07 -17.36
O8A COA D . -3.12 0.09 -18.86
O9A COA D . -5.03 -0.04 -17.16
C4B COA D . -1.90 -0.06 -14.22
O4B COA D . -1.20 -1.31 -14.05
C5B COA D . -2.40 0.54 -12.89
O5B COA D . -3.30 -0.36 -12.24
P1A COA D . -4.79 0.10 -11.90
O1A COA D . -5.56 -1.12 -11.56
O2A COA D . -5.42 1.11 -12.83
O3A COA D . -4.59 0.88 -10.50
P2A COA D . -4.91 2.40 -10.19
O4A COA D . -3.87 3.32 -10.81
O5A COA D . -6.34 2.78 -10.22
O6A COA D . -4.57 2.43 -8.60
CBP COA D . -5.84 2.61 -6.59
CCP COA D . -5.44 1.71 -7.74
CDP COA D . -6.80 1.82 -5.72
CEP COA D . -4.55 2.98 -5.85
CAP COA D . -6.51 3.89 -7.14
OAP COA D . -7.49 3.52 -8.12
C9P COA D . -7.09 4.77 -6.08
O9P COA D . -6.41 5.60 -5.51
N8P COA D . -8.40 4.59 -5.84
C7P COA D . -9.15 5.41 -4.95
C6P COA D . -8.90 5.07 -3.48
C5P COA D . -9.30 3.63 -3.20
O5P COA D . -10.42 3.23 -3.55
N4P COA D . -8.40 2.86 -2.62
C3P COA D . -8.58 1.42 -2.39
C2P COA D . -9.51 1.05 -1.22
S1P COA D . -9.90 -0.72 -1.27
MG MG E . 15.02 4.19 3.32
#